data_5WHX
#
_entry.id   5WHX
#
_cell.length_a   46.002
_cell.length_b   55.275
_cell.length_c   67.942
_cell.angle_alpha   107.44
_cell.angle_beta   98.91
_cell.angle_gamma   103.23
#
_symmetry.space_group_name_H-M   'P 1'
#
loop_
_entity.id
_entity.type
_entity.pdbx_description
1 polymer 'Prephenate dehydrogenase 1'
2 non-polymer 'NADP NICOTINAMIDE-ADENINE-DINUCLEOTIDE PHOSPHATE'
3 non-polymer 'CITRIC ACID'
4 water water
#
_entity_poly.entity_id   1
_entity_poly.type   'polypeptide(L)'
_entity_poly.pdbx_seq_one_letter_code
;MSTSSSSQSLKIGIVGFGNFGQFLAKTMIKQGHTLTATSRSDYSELCLQMGIHFFRDVSAFLTADIDVIVLCTSILSLSE
VVGSMPLTSLKRPTLFVDVLSVKEHPRELLLRELPEDSDILCTHPMFGPQTAKNGWTDHTFMYDKVRIRDEVICSNFIQI
FATEGCKMVQMSCEEHDRAAAKSQFITHTIGRTLGEMDIQSTPIDTKGFETLVKLKETMMRNSFDLYSGLFVYNRFARQE
LENLEHALHKVKETLMIQRTNGEQGHKRTES
;
_entity_poly.pdbx_strand_id   A,B
#
loop_
_chem_comp.id
_chem_comp.type
_chem_comp.name
_chem_comp.formula
CIT non-polymer 'CITRIC ACID' 'C6 H8 O7'
NAP non-polymer 'NADP NICOTINAMIDE-ADENINE-DINUCLEOTIDE PHOSPHATE' 'C21 H28 N7 O17 P3'
#
# COMPACT_ATOMS: atom_id res chain seq x y z
N GLN A 8 36.15 -2.16 -19.39
CA GLN A 8 34.87 -2.24 -18.78
C GLN A 8 34.15 -0.89 -18.69
N SER A 9 34.87 0.22 -18.76
CA SER A 9 34.27 1.51 -18.71
C SER A 9 33.65 1.91 -20.01
N LEU A 10 32.47 2.51 -19.99
CA LEU A 10 31.73 2.81 -21.20
C LEU A 10 31.43 4.26 -21.42
N LYS A 11 31.35 4.65 -22.66
CA LYS A 11 30.90 5.96 -23.01
C LYS A 11 29.38 5.85 -23.22
N ILE A 12 28.63 6.41 -22.29
CA ILE A 12 27.20 6.25 -22.26
C ILE A 12 26.53 7.59 -22.46
N GLY A 13 25.61 7.64 -23.38
CA GLY A 13 24.92 8.87 -23.67
C GLY A 13 23.44 8.75 -23.36
N ILE A 14 22.94 9.64 -22.54
CA ILE A 14 21.55 9.62 -22.13
C ILE A 14 20.69 10.48 -23.03
N VAL A 15 19.60 9.95 -23.54
CA VAL A 15 18.63 10.74 -24.27
C VAL A 15 17.37 10.86 -23.40
N GLY A 16 17.06 12.09 -23.03
CA GLY A 16 15.99 12.38 -22.13
C GLY A 16 16.53 12.51 -20.72
N PHE A 17 17.04 13.69 -20.41
CA PHE A 17 17.71 13.90 -19.15
C PHE A 17 16.79 14.37 -18.04
N GLY A 18 15.70 13.67 -17.88
CA GLY A 18 14.73 13.97 -16.91
C GLY A 18 15.00 13.29 -15.61
N ASN A 19 13.94 13.12 -14.86
CA ASN A 19 14.09 12.65 -13.55
C ASN A 19 14.81 11.31 -13.51
N PHE A 20 14.38 10.39 -14.36
CA PHE A 20 14.98 9.07 -14.41
C PHE A 20 16.37 9.01 -15.06
N GLY A 21 16.49 9.72 -16.14
CA GLY A 21 17.78 9.80 -16.76
C GLY A 21 18.82 10.40 -15.83
N GLN A 22 18.46 11.41 -15.07
CA GLN A 22 19.40 11.95 -14.08
C GLN A 22 19.71 10.91 -13.05
N PHE A 23 18.71 10.17 -12.63
CA PHE A 23 18.90 9.15 -11.63
C PHE A 23 19.86 8.04 -12.07
N LEU A 24 19.70 7.58 -13.28
CA LEU A 24 20.59 6.57 -13.82
C LEU A 24 22.00 7.12 -13.91
N ALA A 25 22.10 8.35 -14.37
CA ALA A 25 23.38 8.94 -14.58
C ALA A 25 24.21 9.01 -13.30
N LYS A 26 23.58 9.28 -12.18
CA LYS A 26 24.33 9.40 -10.93
C LYS A 26 25.14 8.17 -10.65
N THR A 27 24.49 7.05 -10.81
CA THR A 27 25.11 5.78 -10.51
C THR A 27 26.12 5.40 -11.57
N MET A 28 25.78 5.63 -12.82
CA MET A 28 26.68 5.35 -13.90
C MET A 28 28.01 6.11 -13.74
N ILE A 29 27.90 7.36 -13.35
CA ILE A 29 29.06 8.19 -13.15
C ILE A 29 29.89 7.64 -12.03
N LYS A 30 29.25 7.21 -10.98
CA LYS A 30 29.94 6.73 -9.81
C LYS A 30 30.80 5.53 -10.16
N GLN A 31 30.30 4.73 -11.07
CA GLN A 31 30.95 3.51 -11.49
C GLN A 31 32.13 3.76 -12.44
N GLY A 32 32.33 4.99 -12.85
CA GLY A 32 33.40 5.34 -13.75
C GLY A 32 33.15 5.39 -15.23
N HIS A 33 31.90 5.30 -15.63
CA HIS A 33 31.58 5.50 -17.01
C HIS A 33 31.59 6.93 -17.40
N THR A 34 31.78 7.20 -18.67
CA THR A 34 31.79 8.54 -19.22
C THR A 34 30.42 8.88 -19.77
N LEU A 35 29.76 9.83 -19.14
CA LEU A 35 28.39 10.11 -19.45
C LEU A 35 28.26 11.41 -20.17
N THR A 36 27.42 11.43 -21.17
CA THR A 36 26.93 12.62 -21.80
C THR A 36 25.41 12.54 -21.93
N ALA A 37 24.81 13.67 -22.25
CA ALA A 37 23.38 13.79 -22.31
C ALA A 37 22.92 14.71 -23.41
N THR A 38 21.70 14.46 -23.86
CA THR A 38 20.97 15.32 -24.72
C THR A 38 19.47 15.21 -24.36
N SER A 39 18.72 16.23 -24.67
CA SER A 39 17.35 16.27 -24.26
C SER A 39 16.59 17.40 -24.95
N ARG A 40 15.29 17.32 -24.88
CA ARG A 40 14.48 18.36 -25.42
C ARG A 40 14.73 19.70 -24.70
N SER A 41 14.72 19.67 -23.39
CA SER A 41 14.98 20.83 -22.57
C SER A 41 16.46 21.02 -22.33
N ASP A 42 16.84 22.22 -21.93
CA ASP A 42 18.24 22.54 -21.83
C ASP A 42 18.73 22.28 -20.43
N TYR A 43 19.52 21.24 -20.28
CA TYR A 43 20.06 20.80 -19.00
C TYR A 43 21.54 21.19 -18.87
N SER A 44 21.91 22.27 -19.54
CA SER A 44 23.31 22.63 -19.52
C SER A 44 23.82 22.88 -18.11
N GLU A 45 23.08 23.64 -17.32
CA GLU A 45 23.50 23.92 -15.98
C GLU A 45 23.54 22.69 -15.08
N LEU A 46 22.52 21.86 -15.14
CA LEU A 46 22.54 20.71 -14.29
C LEU A 46 23.71 19.80 -14.66
N CYS A 47 23.96 19.68 -15.95
CA CYS A 47 25.07 18.86 -16.41
C CYS A 47 26.40 19.43 -15.94
N LEU A 48 26.47 20.74 -15.90
CA LEU A 48 27.67 21.38 -15.43
C LEU A 48 27.87 21.01 -13.98
N GLN A 49 26.81 21.11 -13.21
CA GLN A 49 26.88 20.79 -11.83
C GLN A 49 27.28 19.35 -11.60
N MET A 50 26.74 18.50 -12.42
CA MET A 50 27.01 17.10 -12.26
C MET A 50 28.34 16.65 -12.89
N GLY A 51 28.91 17.48 -13.72
CA GLY A 51 30.19 17.16 -14.29
C GLY A 51 30.23 16.50 -15.64
N ILE A 52 29.12 16.50 -16.35
CA ILE A 52 29.04 15.86 -17.62
C ILE A 52 28.64 16.80 -18.75
N HIS A 53 28.91 16.40 -19.98
CA HIS A 53 28.65 17.24 -21.10
C HIS A 53 27.26 17.14 -21.65
N PHE A 54 26.58 18.23 -21.77
CA PHE A 54 25.25 18.27 -22.36
C PHE A 54 25.32 18.74 -23.81
N PHE A 55 24.64 18.02 -24.69
CA PHE A 55 24.50 18.46 -26.04
C PHE A 55 23.12 18.99 -26.29
N ARG A 56 23.02 20.26 -26.57
CA ARG A 56 21.75 20.84 -26.84
C ARG A 56 21.15 20.25 -28.10
N ASP A 57 21.97 20.05 -29.10
CA ASP A 57 21.44 19.42 -30.27
C ASP A 57 21.85 17.98 -30.51
N VAL A 58 20.85 17.24 -30.89
CA VAL A 58 20.96 15.81 -30.99
C VAL A 58 21.97 15.35 -32.02
N SER A 59 22.18 16.12 -33.07
CA SER A 59 23.15 15.74 -34.07
C SER A 59 24.54 15.64 -33.57
N ALA A 60 24.93 16.60 -32.75
CA ALA A 60 26.22 16.58 -32.13
C ALA A 60 26.37 15.42 -31.17
N PHE A 61 25.29 15.10 -30.48
CA PHE A 61 25.31 13.99 -29.54
C PHE A 61 25.57 12.72 -30.30
N LEU A 62 24.86 12.57 -31.39
CA LEU A 62 24.92 11.38 -32.19
C LEU A 62 26.27 11.14 -32.87
N THR A 63 27.01 12.20 -33.16
CA THR A 63 28.26 12.05 -33.87
C THR A 63 29.48 11.87 -32.94
N ALA A 64 29.28 11.99 -31.65
CA ALA A 64 30.31 11.74 -30.67
C ALA A 64 30.83 10.33 -30.63
N ASP A 65 31.85 10.16 -29.91
N ASP A 65 31.88 10.15 -29.96
CA ASP A 65 32.35 8.84 -29.58
CA ASP A 65 32.33 8.81 -29.61
C ASP A 65 31.47 8.23 -28.48
C ASP A 65 31.43 8.27 -28.51
N ILE A 66 30.60 7.30 -28.87
CA ILE A 66 29.67 6.73 -27.93
C ILE A 66 29.47 5.23 -28.03
N ASP A 67 29.45 4.55 -26.90
CA ASP A 67 29.29 3.09 -26.87
C ASP A 67 27.83 2.64 -26.69
N VAL A 68 27.10 3.36 -25.85
CA VAL A 68 25.72 3.05 -25.58
C VAL A 68 24.88 4.30 -25.52
N ILE A 69 23.74 4.27 -26.18
CA ILE A 69 22.72 5.29 -26.07
C ILE A 69 21.53 4.70 -25.24
N VAL A 70 21.17 5.41 -24.17
CA VAL A 70 20.09 5.02 -23.30
C VAL A 70 18.93 5.97 -23.48
N LEU A 71 17.83 5.40 -23.94
CA LEU A 71 16.64 6.15 -24.19
C LEU A 71 15.80 6.26 -22.94
N CYS A 72 15.75 7.49 -22.41
CA CYS A 72 15.10 7.81 -21.17
C CYS A 72 13.99 8.86 -21.32
N THR A 73 13.51 8.96 -22.46
N THR A 73 13.50 8.94 -22.45
CA THR A 73 12.36 9.85 -22.65
CA THR A 73 12.37 9.85 -22.66
C THR A 73 11.10 9.14 -22.15
C THR A 73 11.09 9.14 -22.26
N SER A 74 9.99 9.86 -22.15
CA SER A 74 8.72 9.33 -21.72
C SER A 74 8.25 8.28 -22.72
N ILE A 75 7.42 7.37 -22.28
CA ILE A 75 6.87 6.40 -23.17
C ILE A 75 6.09 7.09 -24.30
N LEU A 76 5.33 8.10 -23.96
CA LEU A 76 4.49 8.73 -24.95
C LEU A 76 5.32 9.31 -26.06
N SER A 77 6.48 9.84 -25.68
CA SER A 77 7.30 10.55 -26.61
C SER A 77 8.33 9.77 -27.41
N LEU A 78 8.53 8.51 -27.10
CA LEU A 78 9.61 7.78 -27.71
C LEU A 78 9.47 7.77 -29.21
N SER A 79 8.26 7.53 -29.68
CA SER A 79 8.23 7.52 -31.22
CA SER A 79 8.23 7.52 -31.22
C SER A 79 8.65 8.92 -31.98
N GLU A 80 8.19 10.00 -31.40
CA GLU A 80 8.56 11.30 -31.86
C GLU A 80 10.05 11.50 -31.75
N VAL A 81 10.60 11.18 -30.60
CA VAL A 81 12.00 11.34 -30.33
C VAL A 81 12.85 10.53 -31.28
N VAL A 82 12.61 9.25 -31.33
CA VAL A 82 13.36 8.39 -32.23
C VAL A 82 13.20 8.81 -33.69
N GLY A 83 11.98 9.12 -34.08
CA GLY A 83 11.70 9.47 -35.44
C GLY A 83 12.37 10.75 -35.86
N SER A 84 12.77 11.55 -34.88
CA SER A 84 13.42 12.80 -35.11
C SER A 84 14.94 12.76 -35.04
N MET A 85 15.49 11.65 -34.62
CA MET A 85 16.92 11.54 -34.50
C MET A 85 17.54 11.23 -35.83
N PRO A 86 18.61 11.93 -36.18
CA PRO A 86 19.28 11.64 -37.45
C PRO A 86 20.20 10.46 -37.27
N LEU A 87 19.59 9.30 -37.27
CA LEU A 87 20.26 8.07 -36.91
C LEU A 87 21.39 7.68 -37.82
N THR A 88 21.31 8.12 -39.04
CA THR A 88 22.29 7.75 -40.02
C THR A 88 23.52 8.59 -39.87
N SER A 89 23.66 9.33 -38.83
N SER A 89 23.67 9.33 -38.82
CA SER A 89 24.85 10.11 -38.51
CA SER A 89 24.89 10.08 -38.56
C SER A 89 25.78 9.38 -37.54
C SER A 89 25.77 9.39 -37.50
N LEU A 90 25.31 8.26 -37.00
CA LEU A 90 26.16 7.58 -36.07
C LEU A 90 27.46 7.13 -36.71
N LYS A 91 28.56 7.30 -36.00
CA LYS A 91 29.87 6.88 -36.49
C LYS A 91 30.01 5.39 -36.63
N ARG A 92 29.51 4.68 -35.65
CA ARG A 92 29.62 3.28 -35.63
C ARG A 92 28.36 2.61 -35.14
N PRO A 93 28.33 1.30 -35.25
CA PRO A 93 27.20 0.55 -34.70
C PRO A 93 27.19 0.79 -33.20
N THR A 94 26.01 1.02 -32.66
CA THR A 94 25.90 1.45 -31.30
C THR A 94 24.76 0.73 -30.59
N LEU A 95 24.95 0.46 -29.33
CA LEU A 95 23.93 -0.23 -28.59
C LEU A 95 22.91 0.79 -28.12
N PHE A 96 21.65 0.56 -28.43
CA PHE A 96 20.58 1.32 -27.87
C PHE A 96 19.90 0.53 -26.74
N VAL A 97 19.78 1.17 -25.59
CA VAL A 97 19.07 0.65 -24.46
C VAL A 97 17.87 1.53 -24.19
N ASP A 98 16.71 0.95 -23.95
CA ASP A 98 15.59 1.70 -23.48
C ASP A 98 15.33 1.32 -22.05
N VAL A 99 14.76 2.26 -21.33
CA VAL A 99 14.39 2.01 -19.97
C VAL A 99 12.91 2.36 -19.71
N LEU A 100 12.12 2.38 -20.75
CA LEU A 100 10.71 2.66 -20.61
C LEU A 100 10.02 1.65 -19.73
N SER A 101 8.99 2.10 -19.05
CA SER A 101 8.24 1.30 -18.12
C SER A 101 7.33 0.25 -18.74
N VAL A 102 7.15 0.33 -20.05
CA VAL A 102 6.52 -0.71 -20.85
C VAL A 102 7.50 -1.14 -21.89
N LYS A 103 7.34 -2.37 -22.36
CA LYS A 103 8.36 -2.96 -23.17
C LYS A 103 8.07 -3.42 -24.60
N GLU A 104 6.85 -3.86 -24.88
CA GLU A 104 6.57 -4.24 -26.25
C GLU A 104 6.70 -3.09 -27.24
N HIS A 105 6.26 -1.91 -26.84
CA HIS A 105 6.31 -0.77 -27.73
C HIS A 105 7.70 -0.33 -28.14
N PRO A 106 8.61 -0.14 -27.17
CA PRO A 106 9.97 0.22 -27.55
C PRO A 106 10.63 -0.87 -28.40
N ARG A 107 10.32 -2.11 -28.13
CA ARG A 107 10.90 -3.18 -28.89
C ARG A 107 10.47 -3.13 -30.31
N GLU A 108 9.17 -3.03 -30.50
CA GLU A 108 8.65 -2.93 -31.86
C GLU A 108 9.16 -1.68 -32.58
N LEU A 109 9.13 -0.55 -31.89
CA LEU A 109 9.61 0.68 -32.47
C LEU A 109 11.09 0.68 -32.85
N LEU A 110 11.93 0.27 -31.94
CA LEU A 110 13.33 0.28 -32.24
C LEU A 110 13.72 -0.66 -33.37
N LEU A 111 13.13 -1.84 -33.35
CA LEU A 111 13.38 -2.81 -34.41
C LEU A 111 12.97 -2.20 -35.73
N ARG A 112 11.85 -1.50 -35.74
CA ARG A 112 11.43 -0.85 -36.95
C ARG A 112 12.30 0.30 -37.43
N GLU A 113 12.69 1.18 -36.52
CA GLU A 113 13.27 2.45 -36.85
C GLU A 113 14.77 2.57 -36.80
N LEU A 114 15.43 1.75 -36.01
CA LEU A 114 16.84 1.89 -35.90
C LEU A 114 17.56 1.36 -37.11
N PRO A 115 18.78 1.81 -37.28
CA PRO A 115 19.64 1.19 -38.28
C PRO A 115 19.82 -0.27 -37.90
N GLU A 116 19.92 -1.13 -38.88
CA GLU A 116 19.96 -2.56 -38.64
C GLU A 116 21.15 -2.99 -37.83
N ASP A 117 22.25 -2.33 -38.03
CA ASP A 117 23.46 -2.67 -37.31
C ASP A 117 23.54 -2.21 -35.88
N SER A 118 22.63 -1.48 -35.45
N SER A 118 22.63 -1.48 -35.44
CA SER A 118 22.66 -1.05 -34.06
CA SER A 118 22.66 -1.04 -34.05
C SER A 118 21.96 -2.09 -33.19
C SER A 118 21.94 -2.05 -33.16
N ASP A 119 22.55 -2.42 -32.05
CA ASP A 119 22.03 -3.36 -31.12
C ASP A 119 20.90 -2.77 -30.26
N ILE A 120 20.06 -3.66 -29.75
CA ILE A 120 18.92 -3.27 -28.96
C ILE A 120 18.85 -4.05 -27.67
N LEU A 121 18.89 -3.38 -26.53
CA LEU A 121 18.62 -3.99 -25.27
C LEU A 121 17.41 -3.31 -24.65
N CYS A 122 16.37 -4.07 -24.34
CA CYS A 122 15.18 -3.47 -23.83
C CYS A 122 15.09 -3.77 -22.38
N THR A 123 15.01 -2.72 -21.58
CA THR A 123 15.04 -2.91 -20.17
C THR A 123 13.97 -2.13 -19.41
N HIS A 124 13.79 -2.52 -18.16
CA HIS A 124 12.97 -1.83 -17.24
C HIS A 124 13.49 -1.98 -15.86
N PRO A 125 14.19 -0.97 -15.36
CA PRO A 125 14.54 -1.02 -13.95
C PRO A 125 13.30 -0.74 -13.13
N MET A 126 12.96 -1.68 -12.26
CA MET A 126 11.73 -1.64 -11.54
C MET A 126 11.87 -0.82 -10.27
N PHE A 127 12.50 0.33 -10.40
CA PHE A 127 12.77 1.19 -9.27
C PHE A 127 13.15 2.55 -9.80
N GLY A 128 13.20 3.49 -8.90
CA GLY A 128 13.46 4.84 -9.30
C GLY A 128 13.88 5.70 -8.13
N PRO A 129 14.01 6.99 -8.38
CA PRO A 129 14.51 7.92 -7.38
C PRO A 129 13.63 7.88 -6.13
N GLN A 130 12.35 7.61 -6.25
CA GLN A 130 11.51 7.52 -5.06
C GLN A 130 11.51 6.20 -4.28
N THR A 131 12.06 5.13 -4.84
CA THR A 131 12.07 3.87 -4.15
C THR A 131 13.45 3.30 -3.94
N ALA A 132 14.43 3.95 -4.48
CA ALA A 132 15.77 3.44 -4.40
C ALA A 132 16.75 4.52 -4.00
N LYS A 133 16.39 5.29 -2.99
CA LYS A 133 17.15 6.44 -2.55
C LYS A 133 18.49 6.01 -2.09
N ASN A 134 18.52 4.93 -1.36
CA ASN A 134 19.75 4.51 -0.77
C ASN A 134 20.50 3.38 -1.40
N GLY A 135 20.38 3.24 -2.70
CA GLY A 135 21.05 2.19 -3.43
C GLY A 135 20.11 1.28 -4.18
N TRP A 136 20.64 0.61 -5.17
CA TRP A 136 19.86 -0.22 -6.00
C TRP A 136 19.77 -1.65 -5.50
N THR A 137 20.44 -1.92 -4.41
CA THR A 137 20.54 -3.28 -3.95
C THR A 137 19.18 -3.89 -3.66
N ASP A 138 19.00 -5.05 -4.22
CA ASP A 138 17.84 -5.88 -4.08
C ASP A 138 16.59 -5.36 -4.79
N HIS A 139 16.71 -4.27 -5.51
CA HIS A 139 15.71 -3.86 -6.47
C HIS A 139 15.85 -4.59 -7.76
N THR A 140 14.74 -4.74 -8.48
CA THR A 140 14.69 -5.60 -9.67
C THR A 140 15.04 -4.88 -10.97
N PHE A 141 15.80 -5.51 -11.84
CA PHE A 141 16.13 -4.95 -13.12
C PHE A 141 15.69 -5.97 -14.14
N MET A 142 14.76 -5.62 -15.02
CA MET A 142 14.30 -6.52 -16.05
C MET A 142 14.97 -6.14 -17.36
N TYR A 143 15.37 -7.15 -18.13
CA TYR A 143 15.94 -6.91 -19.44
C TYR A 143 15.61 -7.98 -20.47
N ASP A 144 15.62 -7.57 -21.73
CA ASP A 144 15.46 -8.45 -22.85
C ASP A 144 16.48 -8.12 -23.94
N LYS A 145 17.31 -9.10 -24.25
CA LYS A 145 18.37 -8.93 -25.21
C LYS A 145 17.80 -9.11 -26.61
N VAL A 146 17.10 -8.10 -27.07
CA VAL A 146 16.34 -8.14 -28.29
C VAL A 146 17.17 -8.32 -29.55
N ARG A 147 18.21 -7.53 -29.71
CA ARG A 147 19.09 -7.67 -30.84
C ARG A 147 20.54 -7.34 -30.47
N ILE A 148 21.23 -8.35 -29.99
CA ILE A 148 22.59 -8.20 -29.55
C ILE A 148 23.54 -8.96 -30.45
N ARG A 149 24.46 -8.21 -31.04
CA ARG A 149 25.59 -8.77 -31.73
C ARG A 149 26.91 -8.63 -30.91
N ASP A 150 27.10 -7.49 -30.27
CA ASP A 150 28.30 -7.29 -29.47
C ASP A 150 28.00 -7.61 -28.06
N GLU A 151 28.27 -8.84 -27.71
CA GLU A 151 27.97 -9.34 -26.40
C GLU A 151 28.77 -8.68 -25.28
N VAL A 152 29.97 -8.23 -25.60
CA VAL A 152 30.82 -7.62 -24.62
C VAL A 152 30.28 -6.29 -24.10
N ILE A 153 29.92 -5.43 -25.02
CA ILE A 153 29.34 -4.16 -24.65
C ILE A 153 28.00 -4.36 -23.94
N CYS A 154 27.18 -5.24 -24.47
CA CYS A 154 25.93 -5.55 -23.84
C CYS A 154 26.18 -6.11 -22.45
N SER A 155 27.10 -6.97 -22.19
N SER A 155 27.10 -6.97 -22.19
CA SER A 155 27.37 -7.51 -20.85
CA SER A 155 27.38 -7.50 -20.85
C SER A 155 27.87 -6.41 -19.92
C SER A 155 27.88 -6.42 -19.91
N ASN A 156 28.71 -5.55 -20.46
CA ASN A 156 29.24 -4.50 -19.62
C ASN A 156 28.13 -3.60 -19.16
N PHE A 157 27.20 -3.30 -20.04
CA PHE A 157 26.08 -2.45 -19.65
C PHE A 157 25.22 -3.11 -18.59
N ILE A 158 24.94 -4.37 -18.77
CA ILE A 158 24.09 -5.12 -17.85
C ILE A 158 24.72 -5.16 -16.47
N GLN A 159 26.04 -5.23 -16.48
CA GLN A 159 26.81 -5.31 -15.25
C GLN A 159 26.64 -4.08 -14.38
N ILE A 160 26.22 -2.99 -14.99
CA ILE A 160 25.99 -1.80 -14.23
C ILE A 160 24.96 -2.07 -13.16
N PHE A 161 23.89 -2.75 -13.55
CA PHE A 161 22.87 -3.15 -12.62
C PHE A 161 23.26 -4.28 -11.69
N ALA A 162 23.96 -5.25 -12.23
CA ALA A 162 24.31 -6.39 -11.44
C ALA A 162 25.27 -6.04 -10.31
N THR A 163 26.26 -5.25 -10.60
CA THR A 163 27.24 -4.86 -9.58
C THR A 163 26.64 -4.02 -8.45
N GLU A 164 25.51 -3.41 -8.71
CA GLU A 164 24.81 -2.66 -7.70
C GLU A 164 23.88 -3.51 -6.87
N GLY A 165 23.86 -4.80 -7.13
CA GLY A 165 23.07 -5.71 -6.33
C GLY A 165 21.63 -5.95 -6.76
N CYS A 166 21.30 -5.53 -7.97
CA CYS A 166 19.97 -5.67 -8.46
C CYS A 166 19.64 -7.16 -8.58
N LYS A 167 18.37 -7.47 -8.45
CA LYS A 167 17.89 -8.77 -8.77
C LYS A 167 17.69 -8.78 -10.27
N MET A 168 18.42 -9.60 -10.98
CA MET A 168 18.44 -9.54 -12.43
C MET A 168 17.42 -10.50 -13.02
N VAL A 169 16.52 -9.97 -13.83
CA VAL A 169 15.47 -10.77 -14.39
C VAL A 169 15.40 -10.64 -15.89
N GLN A 170 15.60 -11.76 -16.57
CA GLN A 170 15.56 -11.78 -18.01
C GLN A 170 14.19 -12.28 -18.42
N MET A 171 13.54 -11.56 -19.30
CA MET A 171 12.19 -11.90 -19.68
C MET A 171 11.82 -11.27 -21.01
N SER A 172 10.81 -11.79 -21.71
CA SER A 172 10.37 -11.21 -22.95
C SER A 172 9.63 -9.90 -22.69
N CYS A 173 9.57 -9.04 -23.67
CA CYS A 173 8.81 -7.83 -23.53
C CYS A 173 7.34 -8.09 -23.28
N GLU A 174 6.83 -9.10 -23.94
CA GLU A 174 5.45 -9.46 -23.75
C GLU A 174 5.17 -9.92 -22.33
N GLU A 175 6.00 -10.80 -21.80
CA GLU A 175 5.80 -11.25 -20.43
C GLU A 175 5.89 -10.06 -19.46
N HIS A 176 6.80 -9.14 -19.78
CA HIS A 176 6.95 -8.00 -18.91
C HIS A 176 5.65 -7.23 -18.89
N ASP A 177 5.14 -6.90 -20.05
CA ASP A 177 3.93 -6.11 -20.15
C ASP A 177 2.73 -6.85 -19.49
N ARG A 178 2.64 -8.16 -19.65
CA ARG A 178 1.58 -8.89 -18.96
C ARG A 178 1.70 -8.78 -17.45
N ALA A 179 2.89 -9.00 -16.92
CA ALA A 179 3.08 -8.91 -15.51
C ALA A 179 2.91 -7.51 -14.97
N ALA A 180 3.46 -6.58 -15.69
CA ALA A 180 3.44 -5.17 -15.30
C ALA A 180 2.04 -4.61 -15.24
N ALA A 181 1.21 -5.04 -16.19
CA ALA A 181 -0.17 -4.62 -16.16
C ALA A 181 -0.90 -5.03 -14.90
N LYS A 182 -0.60 -6.21 -14.43
CA LYS A 182 -1.25 -6.73 -13.27
C LYS A 182 -0.70 -6.18 -11.98
N SER A 183 0.45 -5.55 -12.03
CA SER A 183 1.14 -5.21 -10.83
C SER A 183 1.43 -3.73 -10.76
N GLN A 184 2.40 -3.30 -11.52
CA GLN A 184 2.78 -1.92 -11.49
C GLN A 184 1.62 -1.02 -11.93
N PHE A 185 0.94 -1.35 -13.01
CA PHE A 185 -0.12 -0.45 -13.49
C PHE A 185 -1.27 -0.34 -12.46
N ILE A 186 -1.60 -1.44 -11.83
CA ILE A 186 -2.63 -1.45 -10.82
C ILE A 186 -2.19 -0.57 -9.66
N THR A 187 -0.93 -0.68 -9.30
CA THR A 187 -0.43 0.05 -8.17
C THR A 187 -0.46 1.54 -8.42
N HIS A 188 -0.02 1.95 -9.60
CA HIS A 188 -0.11 3.34 -9.97
C HIS A 188 -1.54 3.80 -10.01
N THR A 189 -2.43 3.02 -10.56
CA THR A 189 -3.82 3.45 -10.68
C THR A 189 -4.46 3.68 -9.29
N ILE A 190 -4.18 2.75 -8.42
CA ILE A 190 -4.59 2.89 -6.96
CA ILE A 190 -4.56 2.87 -6.94
C ILE A 190 -4.00 4.15 -6.12
N GLY A 191 -2.74 4.31 -6.41
CA GLY A 191 -2.04 5.50 -6.00
C GLY A 191 -2.61 6.78 -6.56
N ARG A 192 -2.85 6.83 -7.86
CA ARG A 192 -3.49 7.99 -8.46
C ARG A 192 -4.90 8.25 -7.97
N THR A 193 -5.63 7.21 -7.74
CA THR A 193 -6.98 7.34 -7.22
C THR A 193 -6.93 7.93 -5.81
N LEU A 194 -6.00 7.44 -5.03
CA LEU A 194 -5.83 7.95 -3.70
C LEU A 194 -5.37 9.40 -3.76
N GLY A 195 -4.59 9.75 -4.74
CA GLY A 195 -4.19 11.14 -4.90
C GLY A 195 -5.35 12.05 -5.16
N GLU A 196 -6.27 11.60 -5.99
CA GLU A 196 -7.46 12.38 -6.31
C GLU A 196 -8.35 12.58 -5.08
N MET A 197 -8.36 11.57 -4.24
CA MET A 197 -9.08 11.62 -2.99
C MET A 197 -8.35 12.52 -1.99
N ASP A 198 -7.10 12.78 -2.25
CA ASP A 198 -6.26 13.52 -1.35
C ASP A 198 -6.23 12.93 0.07
N ILE A 199 -5.95 11.65 0.19
CA ILE A 199 -5.97 11.01 1.48
C ILE A 199 -4.93 11.61 2.43
N GLN A 200 -5.33 11.82 3.66
CA GLN A 200 -4.48 12.43 4.69
C GLN A 200 -4.27 11.54 5.87
N SER A 201 -3.20 11.74 6.50
N SER A 201 -3.20 11.73 6.49
CA SER A 201 -2.91 11.07 7.76
CA SER A 201 -2.92 11.04 7.75
C SER A 201 -3.84 11.56 8.87
C SER A 201 -3.84 11.56 8.86
N THR A 202 -4.26 10.67 9.73
CA THR A 202 -5.11 10.96 10.84
C THR A 202 -4.37 10.55 12.10
N PRO A 203 -4.92 10.91 13.23
CA PRO A 203 -4.34 10.50 14.49
C PRO A 203 -4.48 9.01 14.80
N ILE A 204 -5.37 8.34 14.07
CA ILE A 204 -5.66 6.93 14.27
C ILE A 204 -5.41 6.04 13.06
N ASP A 205 -4.41 6.41 12.26
CA ASP A 205 -4.08 5.62 11.11
C ASP A 205 -3.78 4.21 11.51
N THR A 206 -4.34 3.27 10.78
CA THR A 206 -3.91 1.88 10.86
C THR A 206 -2.58 1.70 10.13
N LYS A 207 -1.91 0.60 10.40
CA LYS A 207 -0.65 0.41 9.73
C LYS A 207 -0.88 0.35 8.25
N GLY A 208 -1.95 -0.30 7.89
CA GLY A 208 -2.27 -0.43 6.49
C GLY A 208 -2.56 0.88 5.80
N PHE A 209 -3.32 1.73 6.46
CA PHE A 209 -3.59 3.01 5.89
C PHE A 209 -2.28 3.81 5.73
N GLU A 210 -1.38 3.63 6.69
CA GLU A 210 -0.14 4.35 6.57
C GLU A 210 0.59 3.94 5.29
N THR A 211 0.55 2.65 4.98
CA THR A 211 1.19 2.23 3.76
C THR A 211 0.53 2.87 2.54
N LEU A 212 -0.76 3.03 2.59
CA LEU A 212 -1.47 3.67 1.51
C LEU A 212 -1.14 5.15 1.33
N VAL A 213 -0.97 5.85 2.43
CA VAL A 213 -0.62 7.25 2.33
C VAL A 213 0.75 7.37 1.66
N LYS A 214 1.67 6.51 2.06
CA LYS A 214 3.00 6.47 1.48
C LYS A 214 2.98 6.12 0.01
N LEU A 215 2.17 5.14 -0.35
CA LEU A 215 2.05 4.75 -1.73
C LEU A 215 1.53 5.86 -2.57
N LYS A 216 0.55 6.58 -2.05
CA LYS A 216 -0.02 7.70 -2.74
C LYS A 216 1.04 8.77 -2.94
N GLU A 217 1.80 9.04 -1.91
CA GLU A 217 2.86 10.00 -1.98
C GLU A 217 3.90 9.57 -2.99
N THR A 218 4.24 8.41 -3.10
N THR A 218 4.25 8.41 -3.08
CA THR A 218 5.26 7.95 -4.03
CA THR A 218 5.27 7.95 -4.03
C THR A 218 4.74 7.90 -5.45
C THR A 218 4.74 7.91 -5.45
N MET A 219 3.55 7.33 -5.62
CA MET A 219 2.96 7.20 -6.94
C MET A 219 2.70 8.56 -7.55
N MET A 220 2.31 9.50 -6.74
CA MET A 220 1.98 10.82 -7.26
C MET A 220 3.21 11.61 -7.73
N ARG A 221 4.40 11.18 -7.37
CA ARG A 221 5.60 11.91 -7.76
C ARG A 221 6.02 11.68 -9.21
N ASN A 222 5.40 10.74 -9.86
CA ASN A 222 5.54 10.54 -11.27
C ASN A 222 4.69 11.47 -12.12
N SER A 223 5.17 11.75 -13.32
CA SER A 223 4.40 12.51 -14.26
C SER A 223 3.15 11.79 -14.69
N PHE A 224 2.11 12.55 -14.96
CA PHE A 224 0.91 11.98 -15.52
C PHE A 224 1.30 11.35 -16.83
N ASP A 225 2.27 11.90 -17.53
CA ASP A 225 2.66 11.36 -18.82
C ASP A 225 3.12 9.94 -18.56
N LEU A 226 3.88 9.73 -17.51
CA LEU A 226 4.39 8.42 -17.21
C LEU A 226 3.27 7.42 -16.95
N TYR A 227 2.34 7.83 -16.11
CA TYR A 227 1.18 6.99 -15.80
C TYR A 227 0.35 6.71 -17.04
N SER A 228 0.05 7.76 -17.76
CA SER A 228 -0.63 7.56 -19.07
CA SER A 228 -0.55 7.60 -19.05
C SER A 228 -0.12 6.44 -20.13
N GLY A 229 1.20 6.59 -20.04
CA GLY A 229 2.07 5.72 -20.77
C GLY A 229 1.95 4.25 -20.41
N LEU A 230 1.79 3.99 -19.14
CA LEU A 230 1.62 2.64 -18.65
C LEU A 230 0.35 2.04 -19.23
N PHE A 231 -0.66 2.88 -19.42
CA PHE A 231 -1.94 2.47 -19.93
C PHE A 231 -2.02 2.44 -21.45
N VAL A 232 -1.63 3.53 -22.05
CA VAL A 232 -1.77 3.65 -23.46
C VAL A 232 -0.95 2.63 -24.25
N TYR A 233 0.27 2.43 -23.83
CA TYR A 233 1.17 1.58 -24.58
C TYR A 233 1.41 0.19 -24.04
N ASN A 234 0.60 -0.23 -23.10
CA ASN A 234 0.59 -1.62 -22.67
C ASN A 234 -0.73 -2.24 -23.08
N ARG A 235 -0.69 -3.17 -24.02
CA ARG A 235 -1.94 -3.72 -24.50
C ARG A 235 -2.68 -4.53 -23.43
N PHE A 236 -2.00 -4.96 -22.39
CA PHE A 236 -2.61 -5.71 -21.31
C PHE A 236 -3.25 -4.86 -20.19
N ALA A 237 -2.99 -3.57 -20.22
CA ALA A 237 -3.41 -2.67 -19.18
C ALA A 237 -4.94 -2.52 -19.06
N ARG A 238 -5.59 -2.43 -20.19
CA ARG A 238 -6.98 -2.13 -20.12
C ARG A 238 -7.76 -3.20 -19.41
N GLN A 239 -7.47 -4.46 -19.67
CA GLN A 239 -8.17 -5.52 -18.96
C GLN A 239 -7.93 -5.46 -17.46
N GLU A 240 -6.72 -5.09 -17.07
CA GLU A 240 -6.42 -4.94 -15.66
C GLU A 240 -7.19 -3.80 -14.99
N LEU A 241 -7.39 -2.71 -15.70
CA LEU A 241 -8.23 -1.68 -15.19
C LEU A 241 -9.65 -2.21 -15.01
N GLU A 242 -10.08 -3.02 -15.96
CA GLU A 242 -11.39 -3.63 -15.85
C GLU A 242 -11.47 -4.55 -14.65
N ASN A 243 -10.43 -5.33 -14.44
CA ASN A 243 -10.44 -6.24 -13.33
C ASN A 243 -10.54 -5.48 -12.03
N LEU A 244 -9.86 -4.34 -11.96
CA LEU A 244 -9.89 -3.54 -10.74
C LEU A 244 -11.25 -2.94 -10.53
N GLU A 245 -11.74 -2.33 -11.58
CA GLU A 245 -13.02 -1.68 -11.54
C GLU A 245 -14.16 -2.67 -11.23
N HIS A 246 -14.12 -3.82 -11.87
CA HIS A 246 -15.05 -4.85 -11.61
C HIS A 246 -15.00 -5.41 -10.22
N ALA A 247 -13.80 -5.61 -9.69
CA ALA A 247 -13.67 -6.06 -8.35
C ALA A 247 -14.21 -5.09 -7.33
N LEU A 248 -13.95 -3.82 -7.54
CA LEU A 248 -14.43 -2.82 -6.61
C LEU A 248 -15.93 -2.80 -6.59
N HIS A 249 -16.49 -2.98 -7.74
CA HIS A 249 -17.93 -3.10 -7.90
C HIS A 249 -18.49 -4.30 -7.19
N LYS A 250 -17.81 -5.39 -7.28
CA LYS A 250 -18.23 -6.57 -6.61
C LYS A 250 -18.21 -6.39 -5.10
N VAL A 251 -17.16 -5.77 -4.63
CA VAL A 251 -17.06 -5.48 -3.25
C VAL A 251 -18.18 -4.55 -2.80
N LYS A 252 -18.43 -3.54 -3.58
CA LYS A 252 -19.48 -2.63 -3.26
C LYS A 252 -20.82 -3.39 -3.18
N GLU A 253 -21.04 -4.32 -4.09
CA GLU A 253 -22.27 -5.08 -4.06
C GLU A 253 -22.45 -5.89 -2.81
N THR A 254 -21.40 -6.50 -2.30
CA THR A 254 -21.56 -7.26 -1.10
C THR A 254 -21.98 -6.41 0.08
N LEU A 255 -21.73 -5.12 -0.01
CA LEU A 255 -21.97 -4.23 1.12
C LEU A 255 -23.36 -3.71 1.08
N MET A 256 -23.76 -3.38 -0.12
CA MET A 256 -25.03 -2.77 -0.45
C MET A 256 -26.13 -3.74 -0.13
N ILE A 257 -25.79 -4.99 -0.02
CA ILE A 257 -26.76 -6.01 0.28
C ILE A 257 -27.08 -6.06 1.77
N GLN B 8 -2.92 -2.20 40.49
CA GLN B 8 -3.53 -2.08 39.19
C GLN B 8 -3.91 -3.37 38.49
N SER B 9 -3.80 -4.50 39.16
CA SER B 9 -4.24 -5.78 38.62
C SER B 9 -5.75 -5.86 38.65
N LEU B 10 -6.36 -6.22 37.54
CA LEU B 10 -7.80 -6.17 37.41
C LEU B 10 -8.41 -7.52 37.14
N LYS B 11 -9.66 -7.69 37.52
CA LYS B 11 -10.45 -8.83 37.13
C LYS B 11 -11.25 -8.46 35.92
N ILE B 12 -10.84 -9.01 34.80
CA ILE B 12 -11.37 -8.60 33.55
C ILE B 12 -12.16 -9.71 32.94
N GLY B 13 -13.36 -9.40 32.48
CA GLY B 13 -14.20 -10.40 31.88
C GLY B 13 -14.38 -10.02 30.45
N ILE B 14 -14.06 -10.97 29.60
CA ILE B 14 -14.19 -10.79 28.10
CA ILE B 14 -14.18 -10.83 28.09
C ILE B 14 -15.50 -11.49 27.38
N VAL B 15 -16.28 -10.69 26.71
CA VAL B 15 -17.43 -11.18 26.07
C VAL B 15 -17.08 -11.23 24.59
N GLY B 16 -17.04 -12.43 24.04
CA GLY B 16 -16.62 -12.62 22.69
C GLY B 16 -15.16 -13.01 22.63
N PHE B 17 -14.93 -14.30 22.78
CA PHE B 17 -13.58 -14.83 22.87
C PHE B 17 -13.06 -15.34 21.55
N GLY B 18 -13.23 -14.51 20.55
CA GLY B 18 -12.81 -14.75 19.21
C GLY B 18 -11.39 -14.31 19.01
N ASN B 19 -11.04 -14.04 17.78
CA ASN B 19 -9.69 -13.76 17.47
C ASN B 19 -9.18 -12.55 18.25
N PHE B 20 -9.94 -11.47 18.29
CA PHE B 20 -9.49 -10.29 19.00
C PHE B 20 -9.54 -10.41 20.51
N GLY B 21 -10.60 -11.00 20.99
CA GLY B 21 -10.70 -11.18 22.40
C GLY B 21 -9.52 -11.99 22.91
N GLN B 22 -9.16 -13.01 22.16
CA GLN B 22 -8.04 -13.86 22.48
C GLN B 22 -6.73 -13.07 22.47
N PHE B 23 -6.61 -12.21 21.47
CA PHE B 23 -5.44 -11.38 21.31
C PHE B 23 -5.24 -10.48 22.53
N LEU B 24 -6.32 -9.85 22.98
CA LEU B 24 -6.22 -9.05 24.18
C LEU B 24 -5.90 -9.86 25.39
N ALA B 25 -6.51 -11.00 25.50
CA ALA B 25 -6.34 -11.79 26.67
C ALA B 25 -4.88 -12.17 26.89
N LYS B 26 -4.15 -12.40 25.80
CA LYS B 26 -2.78 -12.85 25.94
C LYS B 26 -1.95 -11.83 26.67
N THR B 27 -2.09 -10.58 26.25
CA THR B 27 -1.40 -9.52 26.89
C THR B 27 -1.89 -9.25 28.31
N MET B 28 -3.18 -9.34 28.50
CA MET B 28 -3.72 -9.11 29.81
C MET B 28 -3.20 -10.14 30.80
N ILE B 29 -3.13 -11.38 30.38
CA ILE B 29 -2.57 -12.43 31.22
C ILE B 29 -1.10 -12.19 31.52
N LYS B 30 -0.36 -11.77 30.53
CA LYS B 30 1.05 -11.49 30.68
C LYS B 30 1.27 -10.43 31.75
N GLN B 31 0.37 -9.45 31.79
CA GLN B 31 0.45 -8.34 32.71
C GLN B 31 0.00 -8.70 34.10
N GLY B 32 -0.56 -9.88 34.24
CA GLY B 32 -1.00 -10.38 35.52
C GLY B 32 -2.43 -10.24 35.90
N HIS B 33 -3.26 -9.78 34.97
CA HIS B 33 -4.66 -9.63 35.29
C HIS B 33 -5.33 -10.97 35.45
N THR B 34 -6.47 -11.02 36.14
CA THR B 34 -7.25 -12.23 36.26
C THR B 34 -8.47 -12.21 35.32
N LEU B 35 -8.55 -13.18 34.44
CA LEU B 35 -9.51 -13.19 33.37
C LEU B 35 -10.63 -14.20 33.45
N THR B 36 -11.78 -13.75 33.00
CA THR B 36 -12.95 -14.56 32.85
C THR B 36 -13.46 -14.30 31.46
N ALA B 37 -14.14 -15.25 30.86
CA ALA B 37 -14.67 -15.02 29.54
C ALA B 37 -15.96 -15.76 29.29
N THR B 38 -16.72 -15.25 28.35
CA THR B 38 -17.90 -15.93 27.87
C THR B 38 -18.01 -15.69 26.39
N SER B 39 -18.72 -16.54 25.69
CA SER B 39 -18.86 -16.37 24.26
C SER B 39 -19.99 -17.26 23.69
N ARG B 40 -20.39 -17.01 22.46
CA ARG B 40 -21.39 -17.85 21.84
C ARG B 40 -20.89 -19.28 21.68
N SER B 41 -19.69 -19.40 21.13
CA SER B 41 -19.05 -20.69 20.95
C SER B 41 -18.35 -21.17 22.20
N ASP B 42 -18.03 -22.44 22.23
CA ASP B 42 -17.39 -22.97 23.37
C ASP B 42 -15.88 -22.87 23.31
N TYR B 43 -15.31 -22.17 24.27
CA TYR B 43 -13.88 -21.94 24.39
C TYR B 43 -13.30 -22.58 25.65
N SER B 44 -13.99 -23.57 26.18
CA SER B 44 -13.60 -24.08 27.44
C SER B 44 -12.16 -24.62 27.47
N GLU B 45 -11.78 -25.41 26.51
CA GLU B 45 -10.42 -25.97 26.51
C GLU B 45 -9.37 -24.89 26.35
N LEU B 46 -9.57 -24.00 25.41
CA LEU B 46 -8.60 -22.92 25.22
C LEU B 46 -8.51 -22.11 26.49
N CYS B 47 -9.63 -21.81 27.08
CA CYS B 47 -9.61 -21.11 28.36
C CYS B 47 -8.89 -21.91 29.45
N LEU B 48 -9.07 -23.21 29.47
CA LEU B 48 -8.36 -23.97 30.48
C LEU B 48 -6.86 -23.82 30.28
N GLN B 49 -6.42 -23.87 29.03
CA GLN B 49 -5.02 -23.79 28.75
C GLN B 49 -4.47 -22.48 29.25
N MET B 50 -5.26 -21.45 29.09
CA MET B 50 -4.83 -20.09 29.39
C MET B 50 -5.05 -19.66 30.82
N GLY B 51 -5.73 -20.48 31.58
CA GLY B 51 -6.04 -20.10 32.93
C GLY B 51 -7.21 -19.17 33.11
N ILE B 52 -8.05 -19.11 32.12
CA ILE B 52 -9.21 -18.22 32.08
C ILE B 52 -10.43 -18.99 32.55
N HIS B 53 -11.27 -18.34 33.32
CA HIS B 53 -12.45 -18.99 33.75
C HIS B 53 -13.50 -18.68 32.72
N PHE B 54 -13.94 -19.71 32.03
CA PHE B 54 -14.91 -19.60 30.95
C PHE B 54 -16.31 -19.95 31.42
N PHE B 55 -17.28 -19.14 31.08
CA PHE B 55 -18.67 -19.47 31.31
C PHE B 55 -19.39 -19.58 30.01
N ARG B 56 -20.02 -20.72 29.76
CA ARG B 56 -20.77 -20.84 28.53
C ARG B 56 -21.95 -19.92 28.51
N ASP B 57 -22.57 -19.72 29.65
CA ASP B 57 -23.78 -18.98 29.76
C ASP B 57 -23.53 -17.55 30.28
N VAL B 58 -24.02 -16.59 29.54
CA VAL B 58 -23.80 -15.22 29.88
C VAL B 58 -24.37 -14.85 31.25
N SER B 59 -25.43 -15.51 31.68
CA SER B 59 -25.99 -15.19 32.95
C SER B 59 -25.06 -15.48 34.06
N ALA B 60 -24.40 -16.61 33.96
CA ALA B 60 -23.39 -16.96 34.90
C ALA B 60 -22.17 -16.02 34.89
N PHE B 61 -21.80 -15.60 33.72
CA PHE B 61 -20.67 -14.70 33.56
C PHE B 61 -20.95 -13.42 34.32
N LEU B 62 -22.17 -12.94 34.20
CA LEU B 62 -22.53 -11.68 34.79
C LEU B 62 -22.52 -11.70 36.30
N THR B 63 -22.58 -12.88 36.89
CA THR B 63 -22.51 -12.97 38.34
C THR B 63 -21.12 -13.17 38.88
N ALA B 64 -20.13 -13.25 38.00
CA ALA B 64 -18.77 -13.44 38.43
C ALA B 64 -18.15 -12.18 39.06
N ASP B 65 -17.03 -12.35 39.73
CA ASP B 65 -16.35 -11.26 40.38
C ASP B 65 -15.48 -10.55 39.36
N ILE B 66 -16.05 -9.53 38.73
CA ILE B 66 -15.44 -8.80 37.63
C ILE B 66 -15.35 -7.31 37.88
N ASP B 67 -14.20 -6.70 37.71
CA ASP B 67 -14.02 -5.24 37.62
C ASP B 67 -14.46 -4.53 36.28
N VAL B 68 -14.22 -5.21 35.17
CA VAL B 68 -14.39 -4.61 33.88
C VAL B 68 -14.91 -5.65 32.95
N ILE B 69 -15.89 -5.32 32.15
CA ILE B 69 -16.38 -6.23 31.15
C ILE B 69 -16.01 -5.63 29.80
N VAL B 70 -15.30 -6.41 28.98
CA VAL B 70 -14.84 -5.96 27.68
C VAL B 70 -15.59 -6.67 26.57
N LEU B 71 -16.29 -5.87 25.76
CA LEU B 71 -17.13 -6.37 24.69
C LEU B 71 -16.31 -6.51 23.42
N CYS B 72 -16.07 -7.75 23.04
CA CYS B 72 -15.22 -8.12 21.92
C CYS B 72 -15.91 -8.94 20.82
N THR B 73 -17.22 -8.83 20.79
N THR B 73 -17.21 -8.81 20.79
CA THR B 73 -17.97 -9.47 19.72
CA THR B 73 -17.98 -9.47 19.74
C THR B 73 -17.91 -8.62 18.46
C THR B 73 -17.95 -8.61 18.48
N SER B 74 -18.45 -9.15 17.37
CA SER B 74 -18.42 -8.46 16.12
C SER B 74 -19.28 -7.21 16.18
N ILE B 75 -18.99 -6.23 15.36
CA ILE B 75 -19.80 -5.04 15.35
C ILE B 75 -21.25 -5.40 15.05
N LEU B 76 -21.47 -6.28 14.08
CA LEU B 76 -22.82 -6.62 13.63
C LEU B 76 -23.65 -7.27 14.76
N SER B 77 -22.97 -8.00 15.63
CA SER B 77 -23.64 -8.74 16.69
C SER B 77 -23.78 -8.06 18.05
N LEU B 78 -23.20 -6.90 18.23
CA LEU B 78 -23.22 -6.30 19.53
C LEU B 78 -24.61 -6.02 20.01
N SER B 79 -25.49 -5.54 19.14
CA SER B 79 -26.84 -5.27 19.59
C SER B 79 -27.55 -6.51 20.12
N GLU B 80 -27.48 -7.62 19.42
CA GLU B 80 -28.10 -8.83 19.88
C GLU B 80 -27.48 -9.25 21.16
N VAL B 81 -26.16 -9.21 21.21
CA VAL B 81 -25.46 -9.70 22.38
C VAL B 81 -25.77 -8.91 23.63
N VAL B 82 -25.72 -7.60 23.55
CA VAL B 82 -26.02 -6.76 24.68
C VAL B 82 -27.49 -6.90 25.09
N GLY B 83 -28.33 -6.96 24.07
CA GLY B 83 -29.77 -7.08 24.20
C GLY B 83 -30.19 -8.31 24.95
N SER B 84 -29.42 -9.38 24.85
CA SER B 84 -29.74 -10.60 25.51
C SER B 84 -29.06 -10.83 26.86
N MET B 85 -28.18 -9.94 27.28
CA MET B 85 -27.61 -10.08 28.59
C MET B 85 -28.64 -9.70 29.61
N PRO B 86 -28.71 -10.45 30.66
CA PRO B 86 -29.61 -10.04 31.72
C PRO B 86 -28.86 -9.11 32.61
N LEU B 87 -28.84 -7.84 32.24
CA LEU B 87 -27.99 -6.88 32.88
C LEU B 87 -28.26 -6.62 34.34
N THR B 88 -29.45 -6.96 34.78
CA THR B 88 -29.78 -6.75 36.17
C THR B 88 -29.18 -7.81 37.05
N SER B 89 -28.59 -8.79 36.44
CA SER B 89 -27.85 -9.81 37.14
C SER B 89 -26.56 -9.25 37.69
N LEU B 90 -26.21 -8.03 37.31
CA LEU B 90 -24.94 -7.50 37.70
C LEU B 90 -24.93 -7.24 39.19
N LYS B 91 -23.92 -7.80 39.83
CA LYS B 91 -23.67 -7.76 41.24
C LYS B 91 -23.31 -6.39 41.72
N ARG B 92 -22.69 -5.62 40.84
CA ARG B 92 -22.31 -4.32 41.19
C ARG B 92 -22.06 -3.46 39.99
N PRO B 93 -21.97 -2.17 40.18
CA PRO B 93 -21.69 -1.25 39.08
C PRO B 93 -20.36 -1.62 38.52
N THR B 94 -20.35 -1.72 37.21
CA THR B 94 -19.18 -2.22 36.49
C THR B 94 -18.87 -1.38 35.26
N LEU B 95 -17.59 -1.23 34.98
CA LEU B 95 -17.15 -0.57 33.76
C LEU B 95 -17.35 -1.49 32.57
N PHE B 96 -18.00 -1.02 31.54
CA PHE B 96 -18.10 -1.74 30.31
C PHE B 96 -17.19 -1.08 29.29
N VAL B 97 -16.37 -1.86 28.65
CA VAL B 97 -15.49 -1.36 27.60
C VAL B 97 -15.89 -2.05 26.31
N ASP B 98 -15.97 -1.32 25.23
CA ASP B 98 -16.03 -1.96 23.95
C ASP B 98 -14.75 -1.71 23.16
N VAL B 99 -14.46 -2.66 22.28
CA VAL B 99 -13.36 -2.54 21.38
C VAL B 99 -13.72 -2.65 19.91
N LEU B 100 -14.96 -2.36 19.54
CA LEU B 100 -15.39 -2.46 18.19
C LEU B 100 -14.66 -1.45 17.30
N SER B 101 -14.53 -1.78 16.03
CA SER B 101 -13.78 -1.03 15.08
C SER B 101 -14.53 0.23 14.63
N VAL B 102 -15.79 0.35 15.02
CA VAL B 102 -16.60 1.54 14.85
C VAL B 102 -17.09 1.98 16.22
N LYS B 103 -17.33 3.27 16.37
CA LYS B 103 -17.54 3.82 17.66
C LYS B 103 -18.88 4.48 18.00
N GLU B 104 -19.52 5.16 17.07
CA GLU B 104 -20.77 5.77 17.43
C GLU B 104 -21.82 4.74 17.85
N HIS B 105 -21.83 3.62 17.18
CA HIS B 105 -22.81 2.61 17.45
C HIS B 105 -22.76 1.97 18.82
N PRO B 106 -21.58 1.49 19.27
CA PRO B 106 -21.49 0.95 20.63
C PRO B 106 -21.81 2.03 21.65
N ARG B 107 -21.40 3.25 21.41
CA ARG B 107 -21.67 4.33 22.32
C ARG B 107 -23.17 4.52 22.48
N GLU B 108 -23.88 4.61 21.38
CA GLU B 108 -25.32 4.75 21.46
C GLU B 108 -26.02 3.57 22.11
N LEU B 109 -25.67 2.37 21.70
CA LEU B 109 -26.28 1.21 22.25
C LEU B 109 -26.02 1.06 23.73
N LEU B 110 -24.78 1.23 24.15
CA LEU B 110 -24.45 1.10 25.54
C LEU B 110 -25.16 2.18 26.41
N LEU B 111 -25.21 3.41 25.91
CA LEU B 111 -25.87 4.45 26.66
C LEU B 111 -27.33 4.13 26.84
N ARG B 112 -27.93 3.61 25.79
CA ARG B 112 -29.30 3.19 25.77
C ARG B 112 -29.62 1.97 26.62
N GLU B 113 -28.77 0.96 26.55
CA GLU B 113 -29.09 -0.32 27.14
C GLU B 113 -28.56 -0.65 28.51
N LEU B 114 -27.42 -0.10 28.88
CA LEU B 114 -26.80 -0.41 30.14
C LEU B 114 -27.47 0.24 31.30
N PRO B 115 -27.32 -0.33 32.49
CA PRO B 115 -27.76 0.35 33.70
C PRO B 115 -27.01 1.66 33.86
N GLU B 116 -27.71 2.68 34.36
CA GLU B 116 -27.16 4.02 34.43
C GLU B 116 -25.91 4.08 35.25
N ASP B 117 -25.82 3.24 36.24
CA ASP B 117 -24.74 3.34 37.15
C ASP B 117 -23.49 2.60 36.68
N SER B 118 -23.55 2.00 35.53
CA SER B 118 -22.38 1.36 34.96
C SER B 118 -21.64 2.34 34.07
N ASP B 119 -20.33 2.38 34.23
CA ASP B 119 -19.46 3.22 33.45
C ASP B 119 -19.24 2.68 32.05
N ILE B 120 -18.92 3.60 31.15
CA ILE B 120 -18.71 3.27 29.77
C ILE B 120 -17.43 3.85 29.21
N LEU B 121 -16.54 2.99 28.72
CA LEU B 121 -15.37 3.43 27.97
C LEU B 121 -15.44 2.84 26.58
N CYS B 122 -15.50 3.68 25.57
CA CYS B 122 -15.59 3.21 24.20
C CYS B 122 -14.19 3.29 23.58
N THR B 123 -13.68 2.17 23.09
CA THR B 123 -12.35 2.17 22.58
C THR B 123 -12.21 1.48 21.21
N HIS B 124 -11.09 1.78 20.57
CA HIS B 124 -10.67 1.12 19.36
C HIS B 124 -9.19 1.05 19.30
N PRO B 125 -8.67 -0.11 19.69
CA PRO B 125 -7.27 -0.37 19.44
C PRO B 125 -7.06 -0.51 17.94
N MET B 126 -6.29 0.38 17.36
CA MET B 126 -6.10 0.38 15.94
C MET B 126 -5.06 -0.60 15.45
N PHE B 127 -5.14 -1.79 15.97
CA PHE B 127 -4.20 -2.84 15.67
C PHE B 127 -4.77 -4.15 16.13
N GLY B 128 -4.13 -5.22 15.70
CA GLY B 128 -4.59 -6.52 16.00
C GLY B 128 -3.55 -7.57 15.68
N PRO B 129 -3.98 -8.84 15.68
CA PRO B 129 -3.03 -9.94 15.58
C PRO B 129 -2.23 -9.88 14.30
N GLN B 130 -2.82 -9.38 13.26
CA GLN B 130 -2.12 -9.30 12.00
C GLN B 130 -1.19 -8.13 11.85
N THR B 131 -1.33 -7.13 12.68
CA THR B 131 -0.51 -5.95 12.55
C THR B 131 0.32 -5.68 13.74
N ALA B 132 0.13 -6.44 14.80
CA ALA B 132 0.93 -6.31 15.99
C ALA B 132 1.37 -7.66 16.50
N LYS B 133 2.08 -8.36 15.64
CA LYS B 133 2.61 -9.68 15.91
C LYS B 133 3.65 -9.73 16.99
N ASN B 134 4.42 -8.67 17.10
CA ASN B 134 5.53 -8.61 18.02
C ASN B 134 5.46 -7.65 19.19
N GLY B 135 4.27 -7.31 19.64
CA GLY B 135 4.10 -6.31 20.67
C GLY B 135 3.26 -5.12 20.21
N TRP B 136 2.72 -4.40 21.17
CA TRP B 136 1.82 -3.31 20.92
C TRP B 136 2.51 -1.98 20.79
N THR B 137 3.80 -1.95 21.04
CA THR B 137 4.49 -0.70 21.02
C THR B 137 4.28 0.02 19.70
N ASP B 138 4.05 1.31 19.85
CA ASP B 138 3.89 2.23 18.78
C ASP B 138 2.74 1.87 17.84
N HIS B 139 1.72 1.26 18.41
CA HIS B 139 0.46 1.10 17.78
C HIS B 139 -0.53 1.95 18.51
N THR B 140 -1.58 2.39 17.83
CA THR B 140 -2.44 3.40 18.37
C THR B 140 -3.66 2.77 19.06
N PHE B 141 -3.96 3.31 20.23
CA PHE B 141 -5.13 2.97 21.00
C PHE B 141 -6.00 4.22 21.17
N MET B 142 -7.16 4.22 20.53
CA MET B 142 -8.17 5.26 20.66
C MET B 142 -9.16 4.94 21.78
N TYR B 143 -9.56 5.97 22.50
CA TYR B 143 -10.55 5.82 23.53
C TYR B 143 -11.39 7.11 23.72
N ASP B 144 -12.63 6.89 24.14
CA ASP B 144 -13.55 7.95 24.50
C ASP B 144 -14.16 7.63 25.86
N LYS B 145 -13.99 8.53 26.80
CA LYS B 145 -14.47 8.30 28.12
C LYS B 145 -15.90 8.68 28.13
N VAL B 146 -16.76 7.85 27.60
CA VAL B 146 -18.15 8.23 27.40
C VAL B 146 -18.92 8.48 28.70
N ARG B 147 -18.78 7.60 29.65
CA ARG B 147 -19.42 7.77 30.91
C ARG B 147 -18.56 7.20 32.04
N ILE B 148 -17.66 7.99 32.58
CA ILE B 148 -16.70 7.51 33.54
C ILE B 148 -16.86 8.23 34.87
N ARG B 149 -17.15 7.49 35.91
CA ARG B 149 -17.14 8.04 37.25
C ARG B 149 -16.05 7.51 38.16
N ASP B 150 -15.73 6.25 38.05
CA ASP B 150 -14.65 5.69 38.79
C ASP B 150 -13.38 5.82 37.98
N GLU B 151 -12.70 6.92 38.15
CA GLU B 151 -11.55 7.20 37.37
C GLU B 151 -10.43 6.18 37.60
N VAL B 152 -10.40 5.61 38.78
CA VAL B 152 -9.33 4.73 39.12
C VAL B 152 -9.39 3.48 38.27
N ILE B 153 -10.54 2.86 38.21
CA ILE B 153 -10.68 1.66 37.42
C ILE B 153 -10.45 1.96 35.96
N CYS B 154 -11.00 3.06 35.50
CA CYS B 154 -10.83 3.48 34.12
C CYS B 154 -9.38 3.75 33.80
N SER B 155 -8.66 4.32 34.70
CA SER B 155 -7.24 4.56 34.49
CA SER B 155 -7.15 4.60 34.52
C SER B 155 -6.45 3.26 34.42
N ASN B 156 -6.70 2.42 35.38
CA ASN B 156 -6.05 1.14 35.40
C ASN B 156 -6.28 0.37 34.10
N PHE B 157 -7.46 0.46 33.54
CA PHE B 157 -7.73 -0.27 32.31
C PHE B 157 -6.98 0.35 31.16
N ILE B 158 -7.00 1.65 31.10
CA ILE B 158 -6.36 2.36 30.01
C ILE B 158 -4.87 2.09 30.10
N GLN B 159 -4.37 2.03 31.31
CA GLN B 159 -2.91 1.67 31.52
CA GLN B 159 -2.92 1.68 31.51
C GLN B 159 -2.31 0.31 30.94
N ILE B 160 -3.28 -0.55 30.70
CA ILE B 160 -2.98 -1.79 30.04
C ILE B 160 -2.41 -1.49 28.67
N PHE B 161 -3.05 -0.59 27.95
CA PHE B 161 -2.51 -0.15 26.69
C PHE B 161 -1.28 0.77 26.81
N ALA B 162 -1.35 1.66 27.75
CA ALA B 162 -0.26 2.61 27.90
C ALA B 162 1.07 1.95 28.25
N THR B 163 1.03 1.01 29.15
CA THR B 163 2.25 0.32 29.55
C THR B 163 2.90 -0.53 28.47
N GLU B 164 2.12 -0.86 27.46
CA GLU B 164 2.59 -1.63 26.39
C GLU B 164 3.22 -0.75 25.34
N GLY B 165 3.22 0.55 25.57
CA GLY B 165 3.75 1.44 24.60
C GLY B 165 2.86 1.99 23.51
N CYS B 166 1.56 1.84 23.67
CA CYS B 166 0.64 2.32 22.65
C CYS B 166 0.65 3.83 22.57
N LYS B 167 0.41 4.35 21.39
CA LYS B 167 0.19 5.76 21.29
C LYS B 167 -1.23 5.98 21.69
N MET B 168 -1.44 6.78 22.72
CA MET B 168 -2.72 6.92 23.32
C MET B 168 -3.45 8.10 22.73
N VAL B 169 -4.62 7.89 22.12
CA VAL B 169 -5.41 8.95 21.53
C VAL B 169 -6.81 9.00 22.11
N GLN B 170 -7.12 10.12 22.74
CA GLN B 170 -8.41 10.38 23.29
C GLN B 170 -9.21 11.17 22.26
N MET B 171 -10.35 10.67 21.87
CA MET B 171 -11.08 11.27 20.80
C MET B 171 -12.57 10.93 20.92
N SER B 172 -13.47 11.73 20.41
CA SER B 172 -14.87 11.38 20.45
C SER B 172 -15.19 10.18 19.53
N CYS B 173 -16.23 9.46 19.85
CA CYS B 173 -16.68 8.38 18.98
C CYS B 173 -17.03 8.92 17.58
N GLU B 174 -17.67 10.08 17.50
CA GLU B 174 -17.99 10.65 16.21
C GLU B 174 -16.71 10.97 15.42
N GLU B 175 -15.72 11.54 16.11
CA GLU B 175 -14.52 11.93 15.43
C GLU B 175 -13.77 10.68 14.89
N HIS B 176 -13.81 9.63 15.67
CA HIS B 176 -13.23 8.40 15.24
C HIS B 176 -13.89 7.87 14.02
N ASP B 177 -15.20 7.81 14.01
CA ASP B 177 -15.87 7.27 12.83
C ASP B 177 -15.61 8.13 11.60
N ARG B 178 -15.54 9.44 11.79
CA ARG B 178 -15.23 10.29 10.69
C ARG B 178 -13.86 9.98 10.12
N ALA B 179 -12.88 9.90 10.99
CA ALA B 179 -11.55 9.62 10.56
C ALA B 179 -11.39 8.22 9.96
N ALA B 180 -12.00 7.26 10.62
CA ALA B 180 -11.92 5.88 10.24
C ALA B 180 -12.52 5.61 8.87
N ALA B 181 -13.60 6.31 8.57
CA ALA B 181 -14.22 6.15 7.29
C ALA B 181 -13.26 6.55 6.20
N LYS B 182 -12.51 7.61 6.44
CA LYS B 182 -11.60 8.11 5.45
C LYS B 182 -10.33 7.30 5.32
N SER B 183 -10.05 6.47 6.32
CA SER B 183 -8.76 5.87 6.45
C SER B 183 -8.84 4.34 6.53
N GLN B 184 -9.25 3.81 7.67
CA GLN B 184 -9.40 2.37 7.80
C GLN B 184 -10.41 1.74 6.82
N PHE B 185 -11.55 2.40 6.65
CA PHE B 185 -12.55 1.82 5.78
C PHE B 185 -12.04 1.73 4.33
N ILE B 186 -11.34 2.77 3.94
CA ILE B 186 -10.80 2.83 2.61
C ILE B 186 -9.75 1.75 2.42
N THR B 187 -8.94 1.59 3.43
CA THR B 187 -7.91 0.64 3.37
C THR B 187 -8.46 -0.80 3.28
N HIS B 188 -9.45 -1.11 4.08
CA HIS B 188 -10.10 -2.40 3.99
C HIS B 188 -10.78 -2.60 2.67
N THR B 189 -11.37 -1.54 2.15
CA THR B 189 -11.99 -1.64 0.85
C THR B 189 -10.99 -1.96 -0.27
N ILE B 190 -9.84 -1.34 -0.25
CA ILE B 190 -8.84 -1.60 -1.27
C ILE B 190 -8.35 -3.04 -1.10
N GLY B 191 -8.15 -3.40 0.15
CA GLY B 191 -7.67 -4.72 0.47
C GLY B 191 -8.62 -5.81 -0.01
N ARG B 192 -9.91 -5.61 0.17
CA ARG B 192 -10.92 -6.55 -0.33
C ARG B 192 -10.97 -6.59 -1.83
N THR B 193 -10.83 -5.42 -2.43
CA THR B 193 -10.82 -5.33 -3.85
C THR B 193 -9.66 -6.11 -4.43
N LEU B 194 -8.49 -5.98 -3.83
CA LEU B 194 -7.29 -6.70 -4.22
C LEU B 194 -7.51 -8.21 -3.99
N GLY B 195 -8.19 -8.53 -2.94
CA GLY B 195 -8.52 -9.90 -2.70
C GLY B 195 -9.42 -10.54 -3.74
N GLU B 196 -10.39 -9.78 -4.16
CA GLU B 196 -11.31 -10.21 -5.19
C GLU B 196 -10.57 -10.40 -6.51
N MET B 197 -9.58 -9.56 -6.74
CA MET B 197 -8.73 -9.64 -7.91
C MET B 197 -7.78 -10.79 -7.82
N ASP B 198 -7.59 -11.27 -6.62
CA ASP B 198 -6.62 -12.31 -6.34
C ASP B 198 -5.21 -11.96 -6.86
N ILE B 199 -4.76 -10.77 -6.54
CA ILE B 199 -3.48 -10.33 -7.04
C ILE B 199 -2.37 -11.27 -6.59
N GLN B 200 -1.42 -11.48 -7.48
CA GLN B 200 -0.33 -12.39 -7.26
C GLN B 200 1.01 -11.71 -7.48
N SER B 201 1.96 -12.09 -6.67
CA SER B 201 3.29 -11.65 -6.85
C SER B 201 3.82 -12.08 -8.20
N THR B 202 4.67 -11.23 -8.75
CA THR B 202 5.32 -11.46 -9.99
C THR B 202 6.83 -11.36 -9.80
N PRO B 203 7.54 -11.80 -10.93
CA PRO B 203 8.99 -11.68 -10.83
C PRO B 203 9.52 -10.24 -10.88
N ILE B 204 8.67 -9.29 -11.19
CA ILE B 204 9.08 -7.93 -11.34
C ILE B 204 8.24 -6.99 -10.51
N ASP B 205 7.80 -7.43 -9.34
CA ASP B 205 7.05 -6.54 -8.48
C ASP B 205 7.82 -5.27 -8.19
N THR B 206 7.13 -4.15 -8.26
CA THR B 206 7.59 -2.93 -7.65
C THR B 206 7.41 -2.94 -6.14
N LYS B 207 8.11 -2.04 -5.48
CA LYS B 207 7.98 -1.98 -4.07
C LYS B 207 6.55 -1.63 -3.68
N GLY B 208 5.95 -0.74 -4.43
CA GLY B 208 4.59 -0.38 -4.18
C GLY B 208 3.69 -1.59 -4.34
N PHE B 209 3.89 -2.38 -5.38
CA PHE B 209 3.04 -3.55 -5.57
C PHE B 209 3.21 -4.51 -4.42
N GLU B 210 4.44 -4.61 -3.95
CA GLU B 210 4.69 -5.49 -2.84
C GLU B 210 3.90 -5.12 -1.61
N THR B 211 3.82 -3.86 -1.32
CA THR B 211 3.05 -3.43 -0.21
C THR B 211 1.56 -3.72 -0.41
N LEU B 212 1.09 -3.61 -1.65
CA LEU B 212 -0.29 -3.94 -1.95
C LEU B 212 -0.58 -5.43 -1.73
N VAL B 213 0.32 -6.28 -2.15
CA VAL B 213 0.14 -7.70 -1.92
C VAL B 213 0.07 -8.00 -0.44
N LYS B 214 0.92 -7.37 0.33
CA LYS B 214 0.86 -7.51 1.78
C LYS B 214 -0.46 -7.01 2.35
N LEU B 215 -0.95 -5.95 1.80
CA LEU B 215 -2.22 -5.41 2.24
C LEU B 215 -3.40 -6.30 1.96
N LYS B 216 -3.41 -6.90 0.79
CA LYS B 216 -4.43 -7.87 0.46
C LYS B 216 -4.33 -8.97 1.51
N GLU B 217 -3.12 -9.42 1.81
CA GLU B 217 -2.98 -10.53 2.71
C GLU B 217 -3.54 -10.19 4.10
N THR B 218 -3.15 -9.06 4.65
CA THR B 218 -3.60 -8.69 5.98
C THR B 218 -5.07 -8.36 6.02
N MET B 219 -5.55 -7.61 5.05
CA MET B 219 -6.92 -7.19 5.05
C MET B 219 -7.80 -8.45 4.94
N MET B 220 -7.36 -9.40 4.16
CA MET B 220 -8.19 -10.55 3.87
C MET B 220 -8.30 -11.52 5.04
N ARG B 221 -7.47 -11.38 6.05
CA ARG B 221 -7.50 -12.29 7.16
C ARG B 221 -8.52 -11.85 8.19
N ASN B 222 -9.18 -10.74 7.94
CA ASN B 222 -10.34 -10.31 8.71
C ASN B 222 -11.61 -10.97 8.22
N SER B 223 -12.58 -11.11 9.11
CA SER B 223 -13.86 -11.63 8.71
C SER B 223 -14.62 -10.63 7.81
N PHE B 224 -15.43 -11.16 6.91
CA PHE B 224 -16.35 -10.37 6.15
C PHE B 224 -17.34 -9.64 7.08
N ASP B 225 -17.70 -10.27 8.18
CA ASP B 225 -18.59 -9.61 9.11
C ASP B 225 -17.92 -8.33 9.56
N LEU B 226 -16.63 -8.42 9.82
CA LEU B 226 -15.93 -7.25 10.30
C LEU B 226 -15.95 -6.15 9.25
N TYR B 227 -15.73 -6.48 8.00
CA TYR B 227 -15.60 -5.47 7.00
C TYR B 227 -16.98 -4.96 6.74
N SER B 228 -18.04 -5.73 6.77
N SER B 228 -18.04 -5.73 6.76
CA SER B 228 -19.41 -5.25 6.66
CA SER B 228 -19.43 -5.28 6.66
C SER B 228 -19.76 -4.26 7.76
C SER B 228 -19.78 -4.28 7.76
N GLY B 229 -19.30 -4.56 8.95
CA GLY B 229 -19.53 -3.71 10.09
C GLY B 229 -18.97 -2.31 9.92
N LEU B 230 -17.82 -2.23 9.27
CA LEU B 230 -17.17 -0.97 9.05
C LEU B 230 -18.02 -0.05 8.23
N PHE B 231 -18.86 -0.61 7.37
CA PHE B 231 -19.64 0.18 6.46
C PHE B 231 -21.02 0.43 6.99
N VAL B 232 -21.64 -0.65 7.41
CA VAL B 232 -23.02 -0.63 7.85
C VAL B 232 -23.21 0.27 9.06
N TYR B 233 -22.27 0.22 9.98
CA TYR B 233 -22.37 0.96 11.20
C TYR B 233 -21.49 2.21 11.30
N ASN B 234 -20.94 2.69 10.22
CA ASN B 234 -20.29 3.99 10.19
C ASN B 234 -21.04 4.86 9.22
N ARG B 235 -21.70 5.88 9.73
CA ARG B 235 -22.54 6.71 8.91
C ARG B 235 -21.74 7.50 7.91
N PHE B 236 -20.45 7.59 8.14
CA PHE B 236 -19.55 8.35 7.26
C PHE B 236 -18.90 7.55 6.11
N ALA B 237 -19.05 6.24 6.18
CA ALA B 237 -18.48 5.35 5.20
C ALA B 237 -19.01 5.44 3.77
N ARG B 238 -20.32 5.58 3.64
CA ARG B 238 -20.89 5.60 2.31
C ARG B 238 -20.29 6.70 1.45
N GLN B 239 -20.12 7.89 2.02
CA GLN B 239 -19.54 8.97 1.27
C GLN B 239 -18.12 8.66 0.84
N GLU B 240 -17.36 8.00 1.70
CA GLU B 240 -16.02 7.64 1.32
C GLU B 240 -15.96 6.60 0.16
N LEU B 241 -16.88 5.66 0.20
CA LEU B 241 -16.97 4.73 -0.88
C LEU B 241 -17.29 5.44 -2.21
N GLU B 242 -18.22 6.39 -2.19
CA GLU B 242 -18.47 7.18 -3.37
C GLU B 242 -17.24 7.97 -3.76
N ASN B 243 -16.51 8.50 -2.78
CA ASN B 243 -15.34 9.30 -3.11
C ASN B 243 -14.31 8.47 -3.85
N LEU B 244 -14.20 7.24 -3.43
CA LEU B 244 -13.26 6.31 -4.03
C LEU B 244 -13.63 5.99 -5.45
N GLU B 245 -14.90 5.69 -5.66
CA GLU B 245 -15.38 5.44 -6.99
C GLU B 245 -15.24 6.66 -7.88
N HIS B 246 -15.60 7.81 -7.36
CA HIS B 246 -15.53 9.01 -8.12
C HIS B 246 -14.11 9.30 -8.53
N ALA B 247 -13.19 9.07 -7.62
CA ALA B 247 -11.79 9.29 -7.89
C ALA B 247 -11.26 8.37 -8.96
N LEU B 248 -11.63 7.12 -8.87
CA LEU B 248 -11.18 6.14 -9.86
C LEU B 248 -11.67 6.50 -11.26
N HIS B 249 -12.93 6.91 -11.33
CA HIS B 249 -13.50 7.31 -12.58
C HIS B 249 -12.87 8.57 -13.16
N LYS B 250 -12.47 9.48 -12.28
CA LYS B 250 -11.82 10.68 -12.72
C LYS B 250 -10.48 10.30 -13.36
N VAL B 251 -9.75 9.43 -12.69
CA VAL B 251 -8.50 9.01 -13.22
C VAL B 251 -8.70 8.27 -14.54
N LYS B 252 -9.64 7.36 -14.54
CA LYS B 252 -9.92 6.60 -15.73
C LYS B 252 -10.29 7.47 -16.94
N GLU B 253 -11.13 8.46 -16.75
CA GLU B 253 -11.52 9.31 -17.86
C GLU B 253 -10.34 10.09 -18.41
N THR B 254 -9.46 10.50 -17.52
CA THR B 254 -8.28 11.24 -17.94
C THR B 254 -7.41 10.38 -18.84
N LEU B 255 -7.38 9.09 -18.55
CA LEU B 255 -6.71 8.17 -19.40
C LEU B 255 -7.35 8.05 -20.76
N MET B 256 -8.67 8.02 -20.78
CA MET B 256 -9.38 7.93 -22.03
C MET B 256 -9.11 9.14 -22.88
N ILE B 257 -9.04 10.28 -22.25
CA ILE B 257 -8.75 11.50 -22.94
C ILE B 257 -7.35 11.42 -23.52
N GLN B 258 -6.45 10.76 -22.82
CA GLN B 258 -5.13 10.54 -23.35
C GLN B 258 -5.07 9.53 -24.50
N ARG B 259 -5.79 8.42 -24.39
CA ARG B 259 -5.97 7.52 -25.51
C ARG B 259 -6.29 8.34 -26.74
N THR B 260 -7.37 9.09 -26.64
CA THR B 260 -7.74 10.02 -27.66
C THR B 260 -6.65 11.07 -27.83
PA NAP C . 8.94 11.06 -17.78
O1A NAP C . 7.94 12.19 -17.58
O2A NAP C . 8.26 9.75 -18.16
O5B NAP C . 9.91 11.48 -18.93
C5B NAP C . 10.68 12.64 -18.81
C4B NAP C . 11.63 12.85 -19.93
O4B NAP C . 10.92 12.79 -21.16
C3B NAP C . 12.35 14.13 -19.90
O3B NAP C . 13.69 13.86 -20.21
C2B NAP C . 11.74 14.91 -20.96
O2B NAP C . 12.65 15.81 -21.60
C1B NAP C . 11.39 13.88 -21.92
N9A NAP C . 10.31 14.25 -22.80
C8A NAP C . 9.00 14.28 -22.48
N7A NAP C . 8.27 14.66 -23.57
C5A NAP C . 9.16 14.89 -24.61
C6A NAP C . 9.02 15.29 -25.96
N6A NAP C . 7.72 15.58 -26.52
N1A NAP C . 10.12 15.42 -26.72
C2A NAP C . 11.33 15.16 -26.23
N3A NAP C . 11.50 14.76 -24.95
C4A NAP C . 10.43 14.62 -24.12
O3 NAP C . 9.77 11.00 -16.41
PN NAP C . 10.99 10.12 -15.98
O1N NAP C . 10.71 9.72 -14.56
O2N NAP C . 12.23 10.95 -16.14
O5D NAP C . 11.03 8.82 -16.83
C5D NAP C . 11.82 8.68 -17.96
C4D NAP C . 11.69 7.35 -18.58
O4D NAP C . 12.18 6.39 -17.64
C3D NAP C . 10.29 7.00 -18.84
O3D NAP C . 10.19 6.23 -20.02
C2D NAP C . 9.87 6.19 -17.69
O2D NAP C . 8.84 5.33 -18.06
C1D NAP C . 11.13 5.48 -17.35
N1N NAP C . 11.31 5.04 -16.00
C2N NAP C . 11.14 5.91 -14.99
C3N NAP C . 11.34 5.51 -13.67
C7N NAP C . 11.14 6.48 -12.55
O7N NAP C . 10.89 7.68 -12.74
N7N NAP C . 11.20 5.99 -11.21
C4N NAP C . 11.68 4.19 -13.36
C5N NAP C . 11.85 3.31 -14.43
C6N NAP C . 11.66 3.76 -15.74
P2B NAP C . 13.14 17.15 -20.98
O1X NAP C . 14.41 17.56 -21.69
O2X NAP C . 12.07 18.21 -21.14
O3X NAP C . 13.45 16.89 -19.52
C1 CIT D . 8.23 4.93 -8.65
O1 CIT D . 7.12 4.90 -9.25
O2 CIT D . 8.43 5.79 -7.75
C2 CIT D . 9.30 3.94 -9.00
C3 CIT D . 8.80 3.12 -10.18
O7 CIT D . 8.20 3.90 -11.17
C4 CIT D . 9.95 2.40 -10.81
C5 CIT D . 9.40 1.49 -11.88
O3 CIT D . 9.18 0.28 -11.60
O4 CIT D . 9.17 1.96 -13.02
C6 CIT D . 7.79 2.13 -9.66
O5 CIT D . 8.11 1.40 -8.70
O6 CIT D . 6.66 2.07 -10.21
PA NAP E . -15.25 -10.50 14.49
O1A NAP E . -15.68 -11.43 13.37
O2A NAP E . -15.58 -9.05 14.17
O5B NAP E . -16.01 -10.92 15.79
C5B NAP E . -15.84 -12.21 16.30
C4B NAP E . -16.54 -12.43 17.60
O4B NAP E . -17.91 -12.09 17.45
C3B NAP E . -16.49 -13.82 18.09
O3B NAP E . -16.21 -13.76 19.46
C2B NAP E . -17.84 -14.32 17.88
O2B NAP E . -18.25 -15.27 18.85
C1B NAP E . -18.63 -13.11 18.06
N9A NAP E . -19.92 -13.15 17.39
C8A NAP E . -20.12 -12.98 16.07
N7A NAP E . -21.46 -13.08 15.81
C5A NAP E . -22.10 -13.32 17.00
C6A NAP E . -23.47 -13.50 17.38
N6A NAP E . -24.52 -13.46 16.40
N1A NAP E . -23.77 -13.72 18.67
C2A NAP E . -22.81 -13.76 19.60
N3A NAP E . -21.51 -13.59 19.28
C4A NAP E . -21.14 -13.36 18.00
O3 NAP E . -13.70 -10.78 14.70
PN NAP E . -12.66 -10.20 15.73
O1N NAP E . -11.40 -9.97 14.95
O2N NAP E . -12.50 -11.21 16.83
O5D NAP E . -13.16 -8.83 16.27
C5D NAP E . -13.85 -8.69 17.45
C4D NAP E . -14.20 -7.28 17.74
O4D NAP E . -12.97 -6.57 17.91
C3D NAP E . -14.89 -6.64 16.61
O3D NAP E . -15.84 -5.71 17.08
C2D NAP E . -13.84 -5.93 15.86
O2D NAP E . -14.40 -4.85 15.16
C1D NAP E . -12.93 -5.53 16.95
N1N NAP E . -11.54 -5.31 16.60
C2N NAP E . -10.88 -6.28 15.95
C3N NAP E . -9.52 -6.10 15.65
C7N NAP E . -8.77 -7.16 14.90
O7N NAP E . -9.28 -8.25 14.62
N7N NAP E . -7.45 -6.89 14.47
C4N NAP E . -8.84 -4.93 15.97
C5N NAP E . -9.57 -3.95 16.67
C6N NAP E . -10.93 -4.18 16.97
P2B NAP E . -17.77 -16.76 18.90
O1X NAP E . -18.02 -17.30 20.29
O2X NAP E . -18.54 -17.56 17.87
O3X NAP E . -16.28 -16.76 18.62
C1 CIT F . -6.03 -5.66 10.85
O1 CIT F . -5.31 -6.65 10.58
O2 CIT F . -6.99 -5.34 10.10
C2 CIT F . -5.75 -4.85 12.09
C3 CIT F . -6.83 -3.78 12.20
O7 CIT F . -8.12 -4.31 11.97
C4 CIT F . -6.83 -3.22 13.58
C5 CIT F . -7.83 -2.08 13.62
O3 CIT F . -9.05 -2.34 13.83
O4 CIT F . -7.43 -0.91 13.44
C6 CIT F . -6.55 -2.71 11.19
O5 CIT F . -5.41 -2.19 11.18
O6 CIT F . -7.46 -2.38 10.39
#